data_5R5N
#
_entry.id   5R5N
#
_cell.length_a   49.510
_cell.length_b   52.190
_cell.length_c   101.550
_cell.angle_alpha   90.000
_cell.angle_beta   90.000
_cell.angle_gamma   90.000
#
_symmetry.space_group_name_H-M   'P 21 21 21'
#
loop_
_entity.id
_entity.type
_entity.pdbx_description
1 polymer 'Uridine diphosphate glucose pyrophosphatase NUDT22'
2 non-polymer 4-chloro-N-cyclopentyl-1-methyl-1H-pyrazole-3-carboxamide
3 non-polymer 'DIMETHYL SULFOXIDE'
4 water water
#
_entity_poly.entity_id   1
_entity_poly.type   'polypeptide(L)'
_entity_poly.pdbx_seq_one_letter_code
;SMDPEVTLLLQCPGGGLPQEQIQAELSPAHDRRPLPGGDEAITAIWETRLKAQPWLFDAPKFRLHSATLAPIGSRGPQLL
LRLGLTSYRDFLGTNWSSSAAWLRQQGATDWGDTQAYLADPLGVGAALATADDFLVFLRRSRQVAEAPGLVDVPGGHPEP
QALCPGGSPQHQDLAGQLVVHELFSSVLQEICDEVNLPLLTLSQPLLLGIARNETSAGRASAEFYVQCSLTSEQVRKHYL
SGGPEAHESTGIFFVETQNVRRLPETEMWAELCPSAKGAIILYNRVQGSPTGAALGSPALLPPL
;
_entity_poly.pdbx_strand_id   A
#
loop_
_chem_comp.id
_chem_comp.type
_chem_comp.name
_chem_comp.formula
DMS non-polymer 'DIMETHYL SULFOXIDE' 'C2 H6 O S'
JHP non-polymer 4-chloro-N-cyclopentyl-1-methyl-1H-pyrazole-3-carboxamide 'C10 H14 Cl N3 O'
#
# COMPACT_ATOMS: atom_id res chain seq x y z
N ASP A 3 0.24 16.22 7.85
N ASP A 3 -0.16 15.73 8.18
CA ASP A 3 0.54 15.52 6.56
CA ASP A 3 0.37 15.62 6.80
C ASP A 3 -0.77 15.35 5.78
C ASP A 3 -0.80 15.38 5.84
N PRO A 4 -1.24 16.41 5.08
CA PRO A 4 -2.50 16.32 4.34
C PRO A 4 -2.56 15.26 3.23
N GLU A 5 -1.45 14.73 2.70
CA GLU A 5 -1.56 13.80 1.54
C GLU A 5 -1.80 12.35 1.97
N VAL A 6 -1.85 12.06 3.26
CA VAL A 6 -2.09 10.66 3.71
C VAL A 6 -3.01 10.67 4.95
N THR A 7 -4.08 9.85 4.93
CA THR A 7 -5.00 9.63 6.08
C THR A 7 -5.01 8.14 6.41
N LEU A 8 -5.06 7.80 7.70
CA LEU A 8 -5.12 6.39 8.14
C LEU A 8 -6.58 5.96 8.14
N LEU A 9 -6.91 4.91 7.40
CA LEU A 9 -8.28 4.31 7.49
C LEU A 9 -8.31 3.28 8.62
N LEU A 10 -7.21 2.60 8.90
CA LEU A 10 -7.16 1.47 9.85
C LEU A 10 -5.78 1.40 10.49
N GLN A 11 -5.73 1.21 11.81
CA GLN A 11 -4.52 0.84 12.59
C GLN A 11 -4.80 -0.51 13.26
N CYS A 12 -4.05 -1.55 12.90
CA CYS A 12 -4.28 -2.93 13.40
C CYS A 12 -3.81 -3.05 14.84
N PRO A 13 -4.50 -3.91 15.64
CA PRO A 13 -4.05 -4.21 17.00
C PRO A 13 -3.00 -5.31 17.12
N GLY A 14 -2.47 -5.44 18.35
CA GLY A 14 -1.59 -6.56 18.73
C GLY A 14 -0.28 -6.58 17.96
N GLY A 15 0.19 -5.43 17.48
CA GLY A 15 1.44 -5.32 16.71
C GLY A 15 1.25 -5.70 15.25
N GLY A 16 0.00 -5.93 14.81
CA GLY A 16 -0.33 -6.25 13.41
C GLY A 16 -0.98 -7.60 13.26
N LEU A 17 -1.78 -7.80 12.21
CA LEU A 17 -2.62 -9.02 12.05
C LEU A 17 -2.00 -10.01 11.07
N PRO A 18 -1.90 -11.31 11.44
CA PRO A 18 -1.53 -12.36 10.50
C PRO A 18 -2.70 -12.74 9.59
N GLN A 19 -2.39 -13.43 8.49
CA GLN A 19 -3.37 -13.87 7.45
C GLN A 19 -4.59 -14.57 8.08
N GLU A 20 -4.37 -15.43 9.08
CA GLU A 20 -5.41 -16.35 9.64
C GLU A 20 -6.44 -15.58 10.48
N GLN A 21 -6.21 -14.31 10.76
CA GLN A 21 -7.15 -13.49 11.56
C GLN A 21 -7.92 -12.54 10.64
N ILE A 22 -7.85 -12.70 9.32
CA ILE A 22 -8.52 -11.76 8.38
C ILE A 22 -9.52 -12.49 7.49
N GLN A 23 -10.71 -11.90 7.41
CA GLN A 23 -11.82 -12.30 6.51
C GLN A 23 -11.95 -11.29 5.37
N ALA A 24 -12.23 -11.74 4.15
CA ALA A 24 -12.60 -10.84 3.04
C ALA A 24 -14.02 -11.20 2.57
N GLU A 25 -14.80 -10.20 2.19
CA GLU A 25 -16.08 -10.37 1.47
C GLU A 25 -15.90 -9.70 0.09
N LEU A 26 -15.86 -10.51 -0.95
CA LEU A 26 -15.69 -10.06 -2.35
C LEU A 26 -17.06 -10.08 -3.02
N SER A 27 -17.62 -8.91 -3.29
CA SER A 27 -19.03 -8.73 -3.71
C SER A 27 -19.17 -7.60 -4.72
N PRO A 28 -19.99 -7.77 -5.79
CA PRO A 28 -20.30 -6.65 -6.70
C PRO A 28 -21.02 -5.48 -6.02
N ALA A 29 -21.54 -5.68 -4.81
CA ALA A 29 -22.08 -4.60 -3.97
C ALA A 29 -20.94 -3.62 -3.57
N HIS A 30 -19.67 -4.03 -3.66
CA HIS A 30 -18.48 -3.22 -3.27
C HIS A 30 -17.81 -2.56 -4.49
N ASP A 31 -18.41 -2.71 -5.68
CA ASP A 31 -17.85 -2.11 -6.92
C ASP A 31 -18.08 -0.60 -6.93
N ARG A 32 -17.37 0.11 -7.79
CA ARG A 32 -17.61 1.51 -8.19
C ARG A 32 -19.04 1.63 -8.76
N ARG A 33 -19.75 2.71 -8.45
CA ARG A 33 -21.05 3.03 -9.12
C ARG A 33 -20.76 3.53 -10.54
N PRO A 34 -21.65 3.23 -11.52
CA PRO A 34 -21.57 3.87 -12.85
C PRO A 34 -21.53 5.40 -12.73
N LEU A 35 -20.74 6.09 -13.57
CA LEU A 35 -20.60 7.57 -13.53
C LEU A 35 -21.93 8.22 -13.90
N PRO A 36 -22.26 9.40 -13.32
CA PRO A 36 -23.57 10.02 -13.53
C PRO A 36 -23.97 10.17 -15.00
N GLY A 37 -23.01 10.57 -15.86
CA GLY A 37 -23.22 10.76 -17.29
C GLY A 37 -22.88 9.51 -18.10
N GLY A 38 -22.55 8.40 -17.44
CA GLY A 38 -22.23 7.10 -18.07
C GLY A 38 -20.72 6.84 -18.11
N ASP A 39 -20.32 5.56 -18.12
CA ASP A 39 -18.89 5.12 -18.16
C ASP A 39 -18.25 5.35 -19.56
N GLU A 40 -18.99 5.90 -20.54
CA GLU A 40 -18.46 6.38 -21.86
C GLU A 40 -17.25 7.28 -21.66
N ALA A 41 -17.27 8.12 -20.62
CA ALA A 41 -16.20 9.09 -20.28
C ALA A 41 -14.89 8.36 -19.92
N ILE A 42 -14.96 7.15 -19.38
CA ILE A 42 -13.77 6.32 -19.05
C ILE A 42 -13.24 5.71 -20.35
N THR A 43 -14.13 5.13 -21.13
CA THR A 43 -13.85 4.53 -22.47
C THR A 43 -13.12 5.57 -23.36
N ALA A 44 -13.55 6.84 -23.36
CA ALA A 44 -12.98 7.93 -24.20
C ALA A 44 -11.51 8.20 -23.80
N ILE A 45 -11.25 8.35 -22.50
CA ILE A 45 -9.88 8.59 -21.95
C ILE A 45 -8.96 7.43 -22.38
N TRP A 46 -9.44 6.18 -22.27
CA TRP A 46 -8.66 4.95 -22.55
C TRP A 46 -8.31 4.90 -24.06
N GLU A 47 -9.29 5.17 -24.94
CA GLU A 47 -9.09 5.22 -26.42
C GLU A 47 -7.98 6.21 -26.74
N THR A 48 -8.09 7.42 -26.20
CA THR A 48 -7.14 8.55 -26.40
C THR A 48 -5.72 8.10 -26.04
N ARG A 49 -5.60 7.47 -24.88
CA ARG A 49 -4.32 6.93 -24.32
C ARG A 49 -3.74 5.84 -25.23
N LEU A 50 -4.55 4.87 -25.67
CA LEU A 50 -4.10 3.72 -26.51
C LEU A 50 -3.67 4.26 -27.88
N LYS A 51 -4.31 5.33 -28.37
CA LYS A 51 -3.92 5.89 -29.68
C LYS A 51 -2.58 6.65 -29.60
N ALA A 52 -2.03 6.90 -28.41
CA ALA A 52 -0.68 7.49 -28.22
C ALA A 52 0.31 6.44 -27.71
N GLN A 53 -0.16 5.43 -26.98
CA GLN A 53 0.66 4.31 -26.42
C GLN A 53 -0.07 3.00 -26.64
N PRO A 54 -0.09 2.49 -27.90
CA PRO A 54 -0.86 1.30 -28.24
C PRO A 54 -0.33 0.00 -27.60
N TRP A 55 0.84 0.02 -26.95
CA TRP A 55 1.42 -1.15 -26.20
C TRP A 55 0.86 -1.26 -24.77
N LEU A 56 0.12 -0.26 -24.27
CA LEU A 56 -0.55 -0.31 -22.94
C LEU A 56 -1.60 -1.43 -22.92
N PHE A 57 -1.79 -2.06 -21.76
CA PHE A 57 -2.79 -3.15 -21.55
C PHE A 57 -3.53 -2.91 -20.22
N ASP A 58 -4.81 -3.30 -20.19
CA ASP A 58 -5.68 -3.24 -19.00
C ASP A 58 -5.33 -4.43 -18.11
N ALA A 59 -5.65 -4.37 -16.82
CA ALA A 59 -5.57 -5.52 -15.91
C ALA A 59 -6.61 -5.34 -14.80
N PRO A 60 -7.20 -6.44 -14.29
CA PRO A 60 -8.11 -6.35 -13.15
C PRO A 60 -7.33 -5.99 -11.88
N LYS A 61 -8.04 -5.38 -10.92
CA LYS A 61 -7.52 -4.89 -9.63
C LYS A 61 -8.59 -5.17 -8.55
N PHE A 62 -8.18 -5.39 -7.31
CA PHE A 62 -9.10 -5.32 -6.15
C PHE A 62 -9.49 -3.85 -5.90
N ARG A 63 -10.75 -3.62 -5.56
CA ARG A 63 -11.27 -2.32 -5.06
C ARG A 63 -11.52 -2.45 -3.56
N LEU A 64 -11.08 -1.48 -2.75
CA LEU A 64 -11.40 -1.42 -1.29
C LEU A 64 -12.65 -0.56 -1.14
N HIS A 65 -13.72 -1.15 -0.60
CA HIS A 65 -14.95 -0.42 -0.17
C HIS A 65 -14.80 0.06 1.28
N SER A 66 -14.40 -0.82 2.19
CA SER A 66 -14.37 -0.56 3.66
C SER A 66 -13.71 -1.73 4.40
N ALA A 67 -13.30 -1.50 5.64
CA ALA A 67 -12.61 -2.49 6.51
C ALA A 67 -13.06 -2.25 7.94
N THR A 68 -13.67 -3.26 8.55
CA THR A 68 -14.24 -3.20 9.94
C THR A 68 -13.39 -4.07 10.87
N LEU A 69 -12.83 -3.44 11.90
CA LEU A 69 -12.11 -4.13 13.00
C LEU A 69 -13.10 -4.59 14.09
N ALA A 70 -12.91 -5.82 14.56
CA ALA A 70 -13.65 -6.43 15.69
C ALA A 70 -13.34 -5.65 16.98
N PRO A 71 -14.15 -5.79 18.04
CA PRO A 71 -13.82 -5.21 19.35
C PRO A 71 -12.43 -5.71 19.81
N ILE A 72 -11.56 -4.81 20.29
CA ILE A 72 -10.17 -5.20 20.69
C ILE A 72 -10.20 -6.24 21.82
N GLY A 73 -9.28 -7.20 21.73
CA GLY A 73 -9.09 -8.28 22.71
C GLY A 73 -10.01 -9.46 22.48
N SER A 74 -10.82 -9.44 21.42
CA SER A 74 -11.82 -10.50 21.12
C SER A 74 -11.11 -11.72 20.52
N ARG A 75 -11.75 -12.88 20.67
CA ARG A 75 -11.39 -14.18 20.04
C ARG A 75 -12.01 -14.20 18.65
N GLY A 76 -11.45 -15.02 17.74
CA GLY A 76 -11.98 -15.19 16.38
C GLY A 76 -11.44 -14.11 15.44
N PRO A 77 -11.93 -14.09 14.18
CA PRO A 77 -11.48 -13.12 13.17
C PRO A 77 -11.56 -11.66 13.66
N GLN A 78 -10.50 -10.89 13.41
CA GLN A 78 -10.30 -9.53 14.00
C GLN A 78 -10.57 -8.45 12.94
N LEU A 79 -10.62 -8.79 11.66
CA LEU A 79 -10.80 -7.78 10.57
C LEU A 79 -11.67 -8.38 9.47
N LEU A 80 -12.63 -7.60 8.97
CA LEU A 80 -13.37 -7.90 7.71
C LEU A 80 -12.99 -6.83 6.66
N LEU A 81 -12.46 -7.25 5.51
CA LEU A 81 -12.23 -6.37 4.33
C LEU A 81 -13.40 -6.59 3.36
N ARG A 82 -14.10 -5.51 3.02
CA ARG A 82 -15.15 -5.50 1.97
C ARG A 82 -14.49 -5.03 0.68
N LEU A 83 -14.41 -5.94 -0.30
CA LEU A 83 -13.66 -5.78 -1.57
C LEU A 83 -14.64 -5.95 -2.76
N GLY A 84 -14.44 -5.14 -3.80
CA GLY A 84 -15.05 -5.34 -5.12
C GLY A 84 -13.97 -5.52 -6.16
N LEU A 85 -14.31 -5.35 -7.42
CA LEU A 85 -13.33 -5.49 -8.53
C LEU A 85 -13.35 -4.19 -9.31
N THR A 86 -12.16 -3.72 -9.72
CA THR A 86 -11.95 -2.56 -10.63
C THR A 86 -10.89 -2.94 -11.68
N SER A 87 -10.24 -1.96 -12.29
CA SER A 87 -9.26 -2.20 -13.37
C SER A 87 -8.33 -0.99 -13.44
N TYR A 88 -7.18 -1.17 -14.10
CA TYR A 88 -6.22 -0.09 -14.40
C TYR A 88 -6.91 1.00 -15.24
N ARG A 89 -7.69 0.60 -16.26
CA ARG A 89 -8.47 1.54 -17.14
C ARG A 89 -9.44 2.44 -16.34
N ASP A 90 -10.20 1.84 -15.42
CA ASP A 90 -11.18 2.57 -14.57
C ASP A 90 -10.42 3.56 -13.69
N PHE A 91 -9.27 3.14 -13.18
CA PHE A 91 -8.34 4.04 -12.42
C PHE A 91 -7.97 5.25 -13.28
N LEU A 92 -7.44 5.03 -14.50
CA LEU A 92 -6.95 6.15 -15.36
C LEU A 92 -8.12 7.12 -15.62
N GLY A 93 -9.34 6.59 -15.77
CA GLY A 93 -10.55 7.39 -16.06
C GLY A 93 -11.21 8.05 -14.84
N THR A 94 -10.79 7.75 -13.60
CA THR A 94 -11.43 8.31 -12.37
C THR A 94 -10.38 8.95 -11.45
N ASN A 95 -9.72 8.16 -10.60
CA ASN A 95 -8.74 8.69 -9.60
C ASN A 95 -7.67 9.56 -10.27
N TRP A 96 -7.18 9.17 -11.44
CA TRP A 96 -6.06 9.83 -12.18
C TRP A 96 -6.61 10.99 -13.04
N SER A 97 -7.92 11.06 -13.27
CA SER A 97 -8.58 12.15 -14.04
C SER A 97 -8.33 13.53 -13.41
N SER A 98 -8.22 14.58 -14.23
CA SER A 98 -8.10 15.97 -13.71
C SER A 98 -9.38 16.36 -12.95
N SER A 99 -10.51 15.72 -13.27
N SER A 99 -10.52 15.74 -13.27
CA SER A 99 -11.85 15.97 -12.69
CA SER A 99 -11.85 16.01 -12.66
C SER A 99 -12.15 15.08 -11.48
C SER A 99 -12.14 15.09 -11.47
N ALA A 100 -11.13 14.42 -10.90
CA ALA A 100 -11.30 13.46 -9.79
C ALA A 100 -12.00 14.14 -8.59
N ALA A 101 -11.68 15.41 -8.29
CA ALA A 101 -12.28 16.12 -7.13
C ALA A 101 -13.79 16.33 -7.39
N TRP A 102 -14.19 16.59 -8.64
CA TRP A 102 -15.62 16.75 -9.03
C TRP A 102 -16.36 15.43 -8.80
N LEU A 103 -15.75 14.29 -9.11
CA LEU A 103 -16.36 12.94 -8.92
C LEU A 103 -16.55 12.70 -7.42
N ARG A 104 -15.59 13.14 -6.60
CA ARG A 104 -15.70 13.01 -5.13
C ARG A 104 -16.90 13.82 -4.61
N GLN A 105 -17.06 15.09 -5.04
CA GLN A 105 -18.22 15.96 -4.64
C GLN A 105 -19.55 15.30 -5.03
N GLN A 106 -19.65 14.81 -6.28
N GLN A 106 -19.65 14.80 -6.27
CA GLN A 106 -20.85 14.15 -6.84
CA GLN A 106 -20.88 14.17 -6.83
C GLN A 106 -21.18 12.91 -6.01
C GLN A 106 -21.19 12.88 -6.06
N GLY A 107 -20.16 12.14 -5.64
CA GLY A 107 -20.34 10.95 -4.79
C GLY A 107 -20.94 11.33 -3.43
N ALA A 108 -20.45 12.40 -2.81
CA ALA A 108 -20.97 12.91 -1.52
C ALA A 108 -22.47 13.24 -1.67
N THR A 109 -22.82 14.01 -2.71
CA THR A 109 -24.20 14.44 -3.06
C THR A 109 -25.13 13.23 -3.32
N ASP A 110 -24.73 12.30 -4.19
CA ASP A 110 -25.62 11.24 -4.71
C ASP A 110 -25.70 10.06 -3.74
N TRP A 111 -24.59 9.68 -3.09
CA TRP A 111 -24.50 8.39 -2.35
C TRP A 111 -24.07 8.61 -0.89
N GLY A 112 -23.84 9.85 -0.46
CA GLY A 112 -23.14 10.14 0.81
C GLY A 112 -21.80 9.42 0.93
N ASP A 113 -21.04 9.34 -0.17
CA ASP A 113 -19.76 8.57 -0.21
C ASP A 113 -18.83 9.22 -1.25
N THR A 114 -17.76 9.87 -0.79
CA THR A 114 -16.78 10.61 -1.64
C THR A 114 -16.14 9.64 -2.63
N GLN A 115 -16.11 8.33 -2.35
CA GLN A 115 -15.37 7.33 -3.18
C GLN A 115 -16.32 6.60 -4.17
N ALA A 116 -17.62 6.90 -4.16
CA ALA A 116 -18.64 6.05 -4.85
C ALA A 116 -18.33 5.97 -6.34
N TYR A 117 -17.82 7.04 -6.95
CA TYR A 117 -17.57 7.10 -8.42
C TYR A 117 -16.08 6.89 -8.72
N LEU A 118 -15.28 6.40 -7.75
CA LEU A 118 -13.81 6.23 -7.92
C LEU A 118 -13.45 4.74 -7.98
N ALA A 119 -12.62 4.35 -8.95
CA ALA A 119 -12.04 2.98 -9.06
C ALA A 119 -11.44 2.54 -7.72
N ASP A 120 -10.60 3.38 -7.11
CA ASP A 120 -9.93 3.10 -5.80
C ASP A 120 -9.29 1.70 -5.81
N PRO A 121 -8.36 1.38 -6.75
CA PRO A 121 -7.64 0.09 -6.73
C PRO A 121 -6.81 -0.09 -5.43
N LEU A 122 -6.86 -1.28 -4.82
CA LEU A 122 -6.11 -1.51 -3.57
C LEU A 122 -4.62 -1.77 -3.89
N GLY A 123 -3.72 -0.97 -3.30
CA GLY A 123 -2.27 -1.22 -3.29
C GLY A 123 -1.83 -2.09 -2.11
N VAL A 124 -0.63 -2.67 -2.20
CA VAL A 124 0.10 -3.25 -1.04
C VAL A 124 1.51 -2.59 -0.95
N GLY A 125 1.97 -2.38 0.28
CA GLY A 125 3.32 -1.86 0.58
C GLY A 125 3.93 -2.60 1.75
N ALA A 126 5.25 -2.56 1.89
CA ALA A 126 5.93 -3.24 3.02
C ALA A 126 6.94 -2.30 3.68
N ALA A 127 6.84 -2.23 5.01
CA ALA A 127 7.95 -1.91 5.92
C ALA A 127 8.80 -3.19 6.02
N LEU A 128 9.90 -3.22 5.25
CA LEU A 128 10.81 -4.40 5.10
C LEU A 128 12.06 -4.18 5.97
N ALA A 129 12.22 -4.95 7.04
CA ALA A 129 13.33 -4.77 8.02
C ALA A 129 14.41 -5.81 7.74
N THR A 130 15.68 -5.42 7.88
CA THR A 130 16.84 -6.34 7.71
C THR A 130 17.25 -6.96 9.06
N ALA A 131 18.10 -8.00 9.02
CA ALA A 131 18.55 -8.75 10.21
C ALA A 131 19.36 -7.81 11.11
N ASP A 132 19.97 -6.76 10.56
CA ASP A 132 20.78 -5.75 11.30
C ASP A 132 20.00 -4.46 11.60
N ASP A 133 18.66 -4.53 11.52
N ASP A 133 18.66 -4.50 11.49
CA ASP A 133 17.67 -3.54 12.03
CA ASP A 133 17.75 -3.48 12.08
C ASP A 133 17.74 -2.25 11.20
C ASP A 133 17.71 -2.22 11.21
N PHE A 134 17.53 -2.37 9.89
CA PHE A 134 17.31 -1.23 8.95
C PHE A 134 15.96 -1.46 8.25
N LEU A 135 15.26 -0.41 7.84
CA LEU A 135 14.16 -0.49 6.85
C LEU A 135 14.70 -0.18 5.44
N VAL A 136 14.09 -0.79 4.42
CA VAL A 136 14.51 -0.71 3.00
C VAL A 136 13.68 0.35 2.28
N PHE A 137 14.34 1.26 1.57
CA PHE A 137 13.73 2.30 0.70
C PHE A 137 14.27 2.19 -0.73
N LEU A 138 13.47 2.67 -1.68
CA LEU A 138 13.72 2.59 -3.15
C LEU A 138 13.50 3.99 -3.74
N ARG A 139 14.35 4.41 -4.67
CA ARG A 139 14.23 5.72 -5.38
C ARG A 139 13.48 5.50 -6.68
N ARG A 140 12.39 6.23 -6.94
CA ARG A 140 11.60 6.11 -8.19
C ARG A 140 12.30 6.84 -9.34
N SER A 141 12.25 6.30 -10.55
CA SER A 141 12.73 6.99 -11.78
C SER A 141 12.10 8.38 -11.89
N ARG A 142 12.80 9.33 -12.50
CA ARG A 142 12.35 10.74 -12.68
C ARG A 142 11.50 10.84 -13.95
N GLN A 143 11.33 9.73 -14.69
CA GLN A 143 10.66 9.70 -16.01
C GLN A 143 9.34 8.90 -15.94
N VAL A 144 8.83 8.53 -14.75
CA VAL A 144 7.52 7.83 -14.64
C VAL A 144 6.45 8.89 -14.34
N ALA A 145 5.19 8.55 -14.62
CA ALA A 145 4.01 9.44 -14.56
C ALA A 145 3.71 9.84 -13.12
N GLU A 146 3.69 8.86 -12.21
CA GLU A 146 3.29 9.08 -10.79
C GLU A 146 4.52 9.19 -9.89
N ALA A 147 4.52 10.25 -9.07
CA ALA A 147 5.49 10.52 -7.99
C ALA A 147 6.91 10.41 -8.53
N PRO A 148 7.25 11.00 -9.69
CA PRO A 148 8.58 10.83 -10.26
C PRO A 148 9.68 11.33 -9.31
N GLY A 149 10.73 10.52 -9.20
CA GLY A 149 11.94 10.93 -8.49
C GLY A 149 11.77 10.89 -6.99
N LEU A 150 10.65 10.34 -6.50
CA LEU A 150 10.37 10.30 -5.05
C LEU A 150 10.85 8.97 -4.44
N VAL A 151 10.97 8.94 -3.12
CA VAL A 151 11.32 7.69 -2.38
C VAL A 151 10.05 6.85 -2.19
N ASP A 152 10.18 5.54 -2.38
CA ASP A 152 9.10 4.56 -2.16
C ASP A 152 9.58 3.43 -1.23
N VAL A 153 8.65 2.54 -0.86
CA VAL A 153 8.94 1.23 -0.21
C VAL A 153 8.52 0.15 -1.20
N PRO A 154 8.92 -1.12 -1.04
CA PRO A 154 8.48 -2.17 -1.96
C PRO A 154 6.96 -2.31 -1.95
N GLY A 155 6.37 -2.60 -3.11
CA GLY A 155 4.95 -2.99 -3.16
C GLY A 155 4.41 -2.84 -4.57
N GLY A 156 3.08 -2.82 -4.70
CA GLY A 156 2.44 -2.77 -6.03
C GLY A 156 0.93 -2.86 -5.91
N HIS A 157 0.25 -3.17 -7.02
CA HIS A 157 -1.23 -3.24 -7.10
C HIS A 157 -1.60 -4.62 -7.63
N PRO A 158 -1.96 -5.59 -6.75
CA PRO A 158 -2.17 -6.97 -7.19
C PRO A 158 -3.40 -7.19 -8.07
N GLU A 159 -3.26 -8.16 -8.98
CA GLU A 159 -4.27 -8.58 -9.98
C GLU A 159 -4.94 -9.83 -9.46
N PRO A 160 -6.28 -9.83 -9.31
CA PRO A 160 -7.05 -11.05 -9.03
C PRO A 160 -6.72 -12.28 -9.91
N GLN A 161 -6.82 -13.49 -9.32
CA GLN A 161 -6.43 -14.82 -9.87
C GLN A 161 -5.26 -14.65 -10.85
N ASP A 173 -16.18 -15.86 3.16
CA ASP A 173 -14.81 -16.33 3.49
C ASP A 173 -14.42 -17.54 2.61
N LEU A 174 -15.28 -17.99 1.67
CA LEU A 174 -15.03 -19.25 0.93
C LEU A 174 -14.44 -18.97 -0.47
N ALA A 175 -14.66 -17.78 -1.04
CA ALA A 175 -13.72 -17.13 -1.99
C ALA A 175 -12.81 -16.15 -1.22
N GLY A 176 -13.29 -15.64 -0.06
CA GLY A 176 -12.63 -14.68 0.84
C GLY A 176 -11.24 -15.12 1.29
N GLN A 177 -11.08 -16.37 1.71
CA GLN A 177 -9.80 -16.85 2.29
C GLN A 177 -8.74 -16.95 1.18
N LEU A 178 -9.16 -17.23 -0.06
CA LEU A 178 -8.27 -17.23 -1.25
C LEU A 178 -7.83 -15.79 -1.54
N VAL A 179 -8.73 -14.83 -1.36
CA VAL A 179 -8.43 -13.41 -1.66
C VAL A 179 -7.43 -12.89 -0.62
N VAL A 180 -7.60 -13.18 0.67
CA VAL A 180 -6.65 -12.76 1.74
C VAL A 180 -5.25 -13.34 1.42
N HIS A 181 -5.19 -14.64 1.08
CA HIS A 181 -3.94 -15.36 0.74
C HIS A 181 -3.23 -14.65 -0.44
N GLU A 182 -3.98 -14.27 -1.48
N GLU A 182 -4.01 -14.26 -1.45
CA GLU A 182 -3.41 -13.57 -2.66
CA GLU A 182 -3.51 -13.55 -2.66
C GLU A 182 -2.87 -12.19 -2.26
C GLU A 182 -2.89 -12.21 -2.26
N LEU A 183 -3.56 -11.47 -1.37
CA LEU A 183 -3.04 -10.17 -0.84
C LEU A 183 -1.69 -10.40 -0.11
N PHE A 184 -1.60 -11.33 0.82
CA PHE A 184 -0.37 -11.60 1.60
C PHE A 184 0.76 -12.13 0.68
N SER A 185 0.41 -13.09 -0.20
N SER A 185 0.44 -13.06 -0.24
CA SER A 185 1.31 -13.64 -1.25
CA SER A 185 1.41 -13.63 -1.21
C SER A 185 1.90 -12.49 -2.09
C SER A 185 1.89 -12.54 -2.18
N SER A 186 1.05 -11.57 -2.55
CA SER A 186 1.44 -10.50 -3.51
C SER A 186 2.47 -9.54 -2.90
N VAL A 187 2.43 -9.21 -1.59
CA VAL A 187 3.45 -8.29 -0.99
C VAL A 187 4.83 -9.01 -1.00
N LEU A 188 4.90 -10.32 -0.74
CA LEU A 188 6.17 -11.11 -0.83
C LEU A 188 6.65 -11.18 -2.29
N GLN A 189 5.74 -11.48 -3.22
CA GLN A 189 6.07 -11.54 -4.66
C GLN A 189 6.67 -10.19 -5.08
N GLU A 190 6.11 -9.06 -4.64
CA GLU A 190 6.59 -7.70 -5.04
C GLU A 190 8.00 -7.44 -4.48
N ILE A 191 8.26 -7.90 -3.26
CA ILE A 191 9.62 -7.85 -2.64
C ILE A 191 10.61 -8.70 -3.48
N CYS A 192 10.26 -9.95 -3.82
CA CYS A 192 11.14 -10.84 -4.66
C CYS A 192 11.39 -10.23 -6.05
N ASP A 193 10.37 -9.68 -6.74
CA ASP A 193 10.51 -9.09 -8.10
C ASP A 193 11.38 -7.82 -8.10
N GLU A 194 11.21 -6.90 -7.15
CA GLU A 194 11.84 -5.56 -7.19
C GLU A 194 13.19 -5.59 -6.44
N VAL A 195 13.27 -6.23 -5.27
CA VAL A 195 14.49 -6.20 -4.41
C VAL A 195 15.37 -7.41 -4.76
N ASN A 196 14.80 -8.45 -5.38
CA ASN A 196 15.60 -9.60 -5.87
C ASN A 196 16.06 -10.47 -4.70
N LEU A 197 15.26 -10.52 -3.61
CA LEU A 197 15.52 -11.41 -2.46
C LEU A 197 14.91 -12.79 -2.70
N PRO A 198 15.55 -13.88 -2.20
CA PRO A 198 14.93 -15.20 -2.22
C PRO A 198 13.74 -15.19 -1.26
N LEU A 199 12.63 -15.78 -1.70
CA LEU A 199 11.38 -15.90 -0.92
C LEU A 199 11.69 -16.47 0.46
N LEU A 200 12.65 -17.40 0.56
CA LEU A 200 12.92 -18.10 1.84
C LEU A 200 13.67 -17.23 2.85
N THR A 201 14.10 -16.02 2.47
CA THR A 201 14.70 -15.06 3.46
C THR A 201 13.61 -14.20 4.13
N LEU A 202 12.33 -14.38 3.77
CA LEU A 202 11.23 -13.47 4.22
C LEU A 202 10.29 -14.18 5.20
N SER A 203 9.90 -13.47 6.27
CA SER A 203 8.80 -13.83 7.21
C SER A 203 7.44 -13.76 6.54
N GLN A 204 6.48 -14.49 7.09
CA GLN A 204 5.04 -14.25 6.82
C GLN A 204 4.72 -12.79 7.18
N PRO A 205 4.06 -12.03 6.28
CA PRO A 205 3.70 -10.65 6.56
C PRO A 205 2.67 -10.53 7.72
N LEU A 206 2.75 -9.41 8.43
CA LEU A 206 1.68 -8.92 9.33
C LEU A 206 1.08 -7.67 8.73
N LEU A 207 -0.25 -7.54 8.75
CA LEU A 207 -0.94 -6.30 8.32
C LEU A 207 -0.85 -5.27 9.46
N LEU A 208 -0.19 -4.15 9.20
CA LEU A 208 -0.11 -3.00 10.15
C LEU A 208 -1.37 -2.16 10.08
N GLY A 209 -1.89 -1.90 8.88
CA GLY A 209 -3.05 -1.02 8.72
C GLY A 209 -3.35 -0.72 7.26
N ILE A 210 -4.20 0.29 7.04
CA ILE A 210 -4.60 0.79 5.69
C ILE A 210 -4.49 2.32 5.71
N ALA A 211 -3.91 2.84 4.64
CA ALA A 211 -3.59 4.27 4.43
C ALA A 211 -4.16 4.68 3.08
N ARG A 212 -4.66 5.93 3.00
CA ARG A 212 -5.30 6.51 1.79
C ARG A 212 -4.39 7.62 1.26
N ASN A 213 -4.23 7.70 -0.06
CA ASN A 213 -3.42 8.73 -0.77
C ASN A 213 -4.39 9.81 -1.23
N GLU A 214 -4.45 10.94 -0.53
CA GLU A 214 -5.33 12.09 -0.83
C GLU A 214 -4.84 12.85 -2.07
N THR A 215 -3.60 12.64 -2.51
CA THR A 215 -3.09 13.23 -3.79
C THR A 215 -3.64 12.43 -4.97
N SER A 216 -4.11 11.21 -4.74
CA SER A 216 -4.66 10.33 -5.80
C SER A 216 -6.13 10.00 -5.49
N ALA A 217 -6.87 11.03 -5.06
CA ALA A 217 -8.33 11.07 -4.87
C ALA A 217 -8.73 10.04 -3.82
N GLY A 218 -7.81 9.67 -2.92
CA GLY A 218 -8.14 8.83 -1.76
C GLY A 218 -8.01 7.32 -1.92
N ARG A 219 -7.36 6.84 -2.99
CA ARG A 219 -7.11 5.38 -3.18
C ARG A 219 -6.23 4.86 -2.03
N ALA A 220 -6.52 3.64 -1.56
CA ALA A 220 -5.96 3.07 -0.31
C ALA A 220 -4.94 1.98 -0.63
N SER A 221 -4.00 1.77 0.30
CA SER A 221 -2.96 0.72 0.26
C SER A 221 -2.94 -0.01 1.60
N ALA A 222 -2.97 -1.34 1.57
CA ALA A 222 -2.66 -2.20 2.74
C ALA A 222 -1.15 -2.14 2.99
N GLU A 223 -0.74 -1.78 4.20
CA GLU A 223 0.69 -1.65 4.60
C GLU A 223 1.04 -2.82 5.52
N PHE A 224 2.12 -3.54 5.22
CA PHE A 224 2.53 -4.80 5.90
C PHE A 224 3.92 -4.65 6.49
N TYR A 225 4.18 -5.41 7.56
CA TYR A 225 5.53 -5.58 8.16
C TYR A 225 6.08 -6.93 7.69
N VAL A 226 7.28 -6.89 7.13
CA VAL A 226 7.99 -8.12 6.71
C VAL A 226 9.44 -8.05 7.21
N GLN A 227 9.92 -9.15 7.79
N GLN A 227 9.92 -9.14 7.84
CA GLN A 227 11.30 -9.29 8.30
CA GLN A 227 11.32 -9.30 8.31
C GLN A 227 12.10 -10.16 7.33
C GLN A 227 12.09 -10.14 7.31
N CYS A 228 13.32 -9.73 7.00
CA CYS A 228 14.28 -10.48 6.15
C CYS A 228 15.42 -11.01 7.04
N SER A 229 15.90 -12.23 6.79
CA SER A 229 17.00 -12.85 7.58
C SER A 229 18.36 -12.37 7.05
N LEU A 230 18.39 -11.62 5.93
CA LEU A 230 19.65 -11.03 5.41
C LEU A 230 19.92 -9.65 6.06
N THR A 231 21.20 -9.28 6.14
CA THR A 231 21.66 -7.93 6.55
C THR A 231 21.45 -6.92 5.43
N SER A 232 21.51 -5.63 5.74
CA SER A 232 21.39 -4.52 4.76
C SER A 232 22.41 -4.70 3.63
N GLU A 233 23.65 -5.10 3.95
CA GLU A 233 24.73 -5.26 2.93
C GLU A 233 24.36 -6.42 1.99
N GLN A 234 23.90 -7.56 2.52
CA GLN A 234 23.50 -8.71 1.67
C GLN A 234 22.29 -8.30 0.82
N VAL A 235 21.31 -7.53 1.37
CA VAL A 235 20.09 -7.10 0.62
C VAL A 235 20.52 -6.28 -0.61
N ARG A 236 21.39 -5.30 -0.40
CA ARG A 236 22.01 -4.43 -1.43
C ARG A 236 22.67 -5.27 -2.54
N LYS A 237 23.44 -6.29 -2.16
CA LYS A 237 24.14 -7.17 -3.14
C LYS A 237 23.09 -7.79 -4.05
N HIS A 238 22.06 -8.39 -3.45
CA HIS A 238 20.96 -9.08 -4.18
C HIS A 238 20.27 -8.09 -5.13
N TYR A 239 19.84 -6.93 -4.62
CA TYR A 239 19.25 -5.83 -5.44
C TYR A 239 20.17 -5.52 -6.65
N LEU A 240 21.45 -5.22 -6.42
CA LEU A 240 22.37 -4.69 -7.47
C LEU A 240 22.69 -5.79 -8.49
N SER A 241 22.82 -7.04 -8.04
CA SER A 241 23.29 -8.20 -8.86
C SER A 241 22.22 -8.58 -9.89
N GLY A 242 21.03 -7.98 -9.81
CA GLY A 242 20.00 -8.11 -10.85
C GLY A 242 20.31 -7.27 -12.08
N GLY A 243 20.96 -6.11 -11.88
CA GLY A 243 21.36 -5.18 -12.96
C GLY A 243 20.24 -4.18 -13.26
N PRO A 244 20.50 -3.15 -14.09
CA PRO A 244 19.50 -2.12 -14.41
C PRO A 244 18.09 -2.61 -14.82
N GLU A 245 17.98 -3.75 -15.52
CA GLU A 245 16.69 -4.25 -16.08
C GLU A 245 15.95 -5.18 -15.11
N ALA A 246 16.53 -5.53 -13.97
CA ALA A 246 15.89 -6.45 -13.00
C ALA A 246 15.02 -5.68 -12.00
N HIS A 247 15.00 -4.34 -12.06
CA HIS A 247 14.14 -3.51 -11.17
C HIS A 247 13.69 -2.23 -11.89
N GLU A 248 12.54 -1.66 -11.46
CA GLU A 248 11.95 -0.40 -12.00
C GLU A 248 12.54 0.82 -11.25
N SER A 249 12.93 0.65 -9.98
CA SER A 249 13.57 1.73 -9.19
C SER A 249 14.99 1.98 -9.74
N THR A 250 15.60 3.10 -9.37
CA THR A 250 16.94 3.53 -9.84
C THR A 250 17.98 3.45 -8.70
N GLY A 251 17.57 3.17 -7.46
CA GLY A 251 18.50 2.93 -6.34
C GLY A 251 17.78 2.31 -5.14
N ILE A 252 18.54 1.76 -4.18
CA ILE A 252 18.10 1.25 -2.86
C ILE A 252 18.93 1.96 -1.77
N PHE A 253 18.35 2.16 -0.60
CA PHE A 253 19.07 2.69 0.58
C PHE A 253 18.35 2.21 1.84
N PHE A 254 18.97 2.42 2.99
CA PHE A 254 18.56 1.83 4.30
C PHE A 254 18.67 2.90 5.39
N VAL A 255 17.67 2.91 6.29
CA VAL A 255 17.59 3.81 7.46
C VAL A 255 17.45 2.90 8.69
N GLU A 256 18.29 3.10 9.70
CA GLU A 256 18.21 2.36 10.98
C GLU A 256 16.78 2.53 11.53
N THR A 257 16.18 1.44 12.03
CA THR A 257 14.85 1.49 12.69
C THR A 257 14.89 2.51 13.85
N GLN A 258 16.04 2.67 14.50
CA GLN A 258 16.24 3.71 15.54
C GLN A 258 15.84 5.08 15.00
N ASN A 259 16.27 5.41 13.78
CA ASN A 259 16.07 6.75 13.16
C ASN A 259 14.71 6.90 12.42
N VAL A 260 13.99 5.80 12.17
CA VAL A 260 12.65 5.83 11.48
C VAL A 260 11.64 6.54 12.38
N ARG A 261 11.79 6.36 13.69
CA ARG A 261 11.02 7.05 14.75
C ARG A 261 10.83 8.54 14.41
N ARG A 262 11.87 9.26 13.99
CA ARG A 262 11.77 10.74 13.79
C ARG A 262 11.84 11.10 12.30
N LEU A 263 11.64 10.15 11.39
CA LEU A 263 11.73 10.44 9.92
C LEU A 263 10.83 11.60 9.50
N PRO A 264 9.61 11.78 10.08
CA PRO A 264 8.76 12.94 9.77
C PRO A 264 9.36 14.32 10.07
N GLU A 265 10.44 14.37 10.85
CA GLU A 265 11.12 15.64 11.17
C GLU A 265 12.37 15.81 10.28
N THR A 266 12.64 14.88 9.36
CA THR A 266 13.85 14.92 8.48
C THR A 266 13.50 15.54 7.13
N GLU A 267 14.53 15.91 6.37
CA GLU A 267 14.42 16.40 4.97
C GLU A 267 14.03 15.23 4.06
N MET A 268 14.20 13.98 4.50
CA MET A 268 13.75 12.79 3.70
C MET A 268 12.22 12.82 3.54
N TRP A 269 11.50 13.35 4.53
CA TRP A 269 10.03 13.24 4.57
C TRP A 269 9.40 13.89 3.32
N ALA A 270 9.93 15.05 2.89
CA ALA A 270 9.45 15.80 1.71
C ALA A 270 9.66 15.02 0.40
N GLU A 271 10.54 14.01 0.38
CA GLU A 271 10.83 13.20 -0.82
C GLU A 271 10.05 11.87 -0.84
N LEU A 272 9.34 11.52 0.24
CA LEU A 272 8.55 10.26 0.33
C LEU A 272 7.21 10.42 -0.41
N CYS A 273 6.89 9.51 -1.31
CA CYS A 273 5.53 9.39 -1.91
C CYS A 273 4.53 9.02 -0.82
N PRO A 274 3.26 9.49 -0.93
CA PRO A 274 2.24 9.26 0.09
C PRO A 274 2.05 7.81 0.61
N SER A 275 2.12 6.80 -0.25
CA SER A 275 1.93 5.41 0.20
C SER A 275 3.12 4.99 1.08
N ALA A 276 4.34 5.41 0.77
CA ALA A 276 5.52 5.14 1.63
C ALA A 276 5.40 5.90 2.97
N LYS A 277 4.88 7.14 2.99
CA LYS A 277 4.58 7.83 4.28
C LYS A 277 3.62 7.01 5.15
N GLY A 278 2.57 6.41 4.54
CA GLY A 278 1.61 5.51 5.19
C GLY A 278 2.29 4.35 5.89
N ALA A 279 3.16 3.63 5.17
CA ALA A 279 3.92 2.48 5.64
C ALA A 279 4.76 2.88 6.86
N ILE A 280 5.43 4.03 6.80
CA ILE A 280 6.32 4.48 7.91
C ILE A 280 5.48 4.92 9.11
N ILE A 281 4.39 5.71 8.93
CA ILE A 281 3.52 6.12 10.06
C ILE A 281 2.98 4.87 10.76
N LEU A 282 2.50 3.88 10.02
CA LEU A 282 1.90 2.64 10.61
C LEU A 282 2.98 1.78 11.29
N TYR A 283 4.17 1.63 10.71
CA TYR A 283 5.35 0.98 11.35
C TYR A 283 5.62 1.65 12.71
N ASN A 284 5.65 2.98 12.77
CA ASN A 284 5.98 3.75 14.00
C ASN A 284 4.85 3.53 15.05
N ARG A 285 3.59 3.52 14.64
CA ARG A 285 2.47 3.36 15.61
C ARG A 285 2.27 1.92 16.05
N VAL A 286 2.46 0.93 15.17
CA VAL A 286 2.05 -0.47 15.42
C VAL A 286 3.24 -1.34 15.83
N GLN A 287 4.38 -1.24 15.16
CA GLN A 287 5.60 -1.99 15.56
C GLN A 287 6.44 -1.15 16.53
N GLY A 288 6.57 0.15 16.32
CA GLY A 288 7.18 1.05 17.32
C GLY A 288 6.26 1.24 18.53
N SER A 289 6.35 2.39 19.18
CA SER A 289 5.49 2.82 20.33
C SER A 289 5.29 1.67 21.31
N PRO A 290 6.35 1.27 22.07
CA PRO A 290 6.22 0.20 23.07
C PRO A 290 5.22 0.58 24.18
N THR A 291 4.51 -0.42 24.70
CA THR A 291 3.44 -0.26 25.72
C THR A 291 3.96 -0.66 27.11
N GLY A 292 4.98 -1.54 27.22
CA GLY A 292 5.36 -2.18 28.48
C GLY A 292 6.46 -1.44 29.23
N ALA A 293 6.69 -1.78 30.51
CA ALA A 293 7.62 -1.04 31.42
C ALA A 293 9.06 -1.16 30.90
N ALA A 294 9.44 -2.32 30.35
CA ALA A 294 10.82 -2.63 29.88
C ALA A 294 11.20 -1.78 28.66
N LEU A 295 10.51 -1.94 27.50
CA LEU A 295 10.83 -1.18 26.25
C LEU A 295 10.46 0.31 26.41
N GLY A 296 9.61 0.65 27.39
CA GLY A 296 9.19 2.04 27.69
C GLY A 296 10.14 2.80 28.62
N SER A 297 11.14 2.14 29.23
CA SER A 297 12.14 2.76 30.14
C SER A 297 12.93 3.86 29.40
N PRO A 298 13.25 5.02 30.05
CA PRO A 298 13.94 6.13 29.38
C PRO A 298 15.21 5.82 28.56
N ALA A 299 16.09 4.92 29.04
CA ALA A 299 17.33 4.51 28.33
C ALA A 299 17.00 3.83 26.98
N LEU A 300 15.91 3.04 26.88
CA LEU A 300 15.51 2.31 25.62
C LEU A 300 14.51 3.14 24.78
N LEU A 301 13.74 4.05 25.38
CA LEU A 301 12.81 4.94 24.63
C LEU A 301 13.17 6.39 24.94
N PRO A 302 14.23 6.94 24.30
CA PRO A 302 14.68 8.30 24.60
C PRO A 302 13.60 9.38 24.42
N PRO A 303 13.29 10.21 25.46
CA PRO A 303 12.35 11.33 25.31
C PRO A 303 12.73 12.37 24.23
N LEU A 304 11.73 12.97 23.57
CA LEU A 304 11.87 13.96 22.47
C LEU A 304 12.28 13.24 21.19
C10 JHP B . -0.24 0.33 -13.69
C13 JHP B . 0.92 -0.48 -15.65
C01 JHP B . -0.99 4.11 -9.26
N02 JHP B . -1.60 2.89 -9.77
C03 JHP B . -2.87 2.47 -9.65
C04 JHP B . -2.95 1.25 -10.29
C05 JHP B . -1.69 0.97 -10.76
N06 JHP B . -0.87 1.98 -10.46
C07 JHP B . -1.22 -0.19 -11.54
O08 JHP B . -1.90 -1.20 -11.64
N09 JHP B . -0.15 0.04 -12.27
C11 JHP B . 0.84 1.33 -14.13
C12 JHP B . 1.81 0.51 -14.94
C14 JHP B . -0.07 -0.91 -14.59
CL15 JHP B . -4.31 0.22 -10.50
S DMS C . 16.24 8.28 -14.00
O DMS C . 17.56 7.63 -13.63
C1 DMS C . 15.81 9.18 -12.56
C2 DMS C . 16.66 9.66 -15.03
S DMS D . 7.49 -17.26 3.07
O DMS D . 8.62 -18.26 3.23
C1 DMS D . 8.23 -15.88 2.26
C2 DMS D . 6.50 -17.87 1.74
S DMS E . -29.58 12.21 -2.72
O DMS E . -29.92 12.00 -1.26
C1 DMS E . -29.45 10.59 -3.41
C2 DMS E . -31.08 12.69 -3.54
S DMS F . 4.11 1.89 -2.22
O DMS F . 3.01 2.41 -3.09
C1 DMS F . 3.36 1.42 -0.67
C2 DMS F . 4.48 0.27 -2.84
#